data_5MX7
#
_entry.id   5MX7
#
_cell.length_a   65.936
_cell.length_b   65.936
_cell.length_c   262.970
_cell.angle_alpha   90.00
_cell.angle_beta   90.00
_cell.angle_gamma   120.00
#
_symmetry.space_group_name_H-M   'P 65 2 2'
#
loop_
_entity.id
_entity.type
_entity.pdbx_description
1 polymer 'Vitamin D3 receptor A'
2 polymer 'Nuclear receptor coactivator 1'
3 non-polymer '1a,20S-dihydroxyvitamin D3'
4 water water
#
loop_
_entity_poly.entity_id
_entity_poly.type
_entity_poly.pdbx_seq_one_letter_code
_entity_poly.pdbx_strand_id
1 'polypeptide(L)'
;HMLSDEQMQIINSLVEAHHKTYDDSYSDFVRFRPPVREGPVTRSASRAASLHSLSDASSDSFNHSPESVDTKLNFSNLLM
MYQDSGSPDSSEEDQQSRLSMLPHLADLVSYSIQKVIGFAKMIPGFRDLTAEDQIALLKSSAIEIIMLRSNQSFSLEDMS
WSCGGPDFKYCINDVTKAGHTLELLEPLVKFQVGLKKLKLHEEEHVLLMAICLLSPDRPGVQDHVRIEALQDRLCDVLQA
YIRIQHPGGRLLYAKMIQKLADLRSLNEEHSKQYRSLSFQPEHSMQLTPLVLEVFGSEVS
;
A1
2 'polypeptide(L)' RHKILHRLLQEGSPS B1
#
loop_
_chem_comp.id
_chem_comp.type
_chem_comp.name
_chem_comp.formula
D3V non-polymer '1a,20S-dihydroxyvitamin D3' 'C27 H44 O3'
#
# COMPACT_ATOMS: atom_id res chain seq x y z
N MET A 2 -10.80 -10.57 -25.39
CA MET A 2 -11.89 -9.71 -24.95
C MET A 2 -12.33 -10.10 -23.53
N LEU A 3 -12.84 -9.12 -22.77
CA LEU A 3 -13.15 -9.31 -21.37
C LEU A 3 -14.62 -9.67 -21.17
N SER A 4 -14.88 -10.46 -20.13
CA SER A 4 -16.22 -10.91 -19.80
C SER A 4 -16.91 -9.91 -18.86
N ASP A 5 -18.22 -10.08 -18.70
CA ASP A 5 -18.95 -9.21 -17.77
C ASP A 5 -18.47 -9.39 -16.33
N GLU A 6 -18.04 -10.60 -15.95
CA GLU A 6 -17.54 -10.81 -14.60
C GLU A 6 -16.22 -10.08 -14.40
N GLN A 7 -15.27 -10.28 -15.32
CA GLN A 7 -13.98 -9.59 -15.22
C GLN A 7 -14.18 -8.09 -15.22
N MET A 8 -15.03 -7.60 -16.12
CA MET A 8 -15.25 -6.18 -16.24
C MET A 8 -15.89 -5.63 -14.97
N GLN A 9 -16.86 -6.36 -14.40
CA GLN A 9 -17.47 -5.92 -13.15
C GLN A 9 -16.43 -5.80 -12.03
N ILE A 10 -15.42 -6.67 -12.06
CA ILE A 10 -14.37 -6.64 -11.05
C ILE A 10 -13.57 -5.34 -11.16
N ILE A 11 -13.22 -4.97 -12.39
CA ILE A 11 -12.49 -3.72 -12.62
C ILE A 11 -13.30 -2.54 -12.11
N ASN A 12 -14.58 -2.48 -12.49
CA ASN A 12 -15.45 -1.42 -12.01
C ASN A 12 -15.42 -1.32 -10.48
N SER A 13 -15.56 -2.45 -9.80
CA SER A 13 -15.58 -2.45 -8.34
C SER A 13 -14.27 -1.91 -7.77
N LEU A 14 -13.14 -2.31 -8.34
CA LEU A 14 -11.85 -1.93 -7.79
C LEU A 14 -11.55 -0.46 -8.04
N VAL A 15 -11.90 0.04 -9.24
CA VAL A 15 -11.67 1.46 -9.53
C VAL A 15 -12.50 2.33 -8.61
N GLU A 16 -13.78 1.99 -8.44
CA GLU A 16 -14.64 2.77 -7.55
C GLU A 16 -14.13 2.70 -6.11
N ALA A 17 -13.73 1.50 -5.67
CA ALA A 17 -13.17 1.34 -4.33
C ALA A 17 -11.99 2.29 -4.13
N HIS A 18 -11.09 2.33 -5.11
CA HIS A 18 -9.91 3.20 -5.00
C HIS A 18 -10.31 4.67 -5.01
N HIS A 19 -11.25 5.06 -5.87
CA HIS A 19 -11.69 6.45 -5.90
C HIS A 19 -12.29 6.85 -4.55
N LYS A 20 -12.97 5.91 -3.89
CA LYS A 20 -13.60 6.20 -2.60
C LYS A 20 -12.59 6.32 -1.47
N THR A 21 -11.36 5.82 -1.66
CA THR A 21 -10.39 5.74 -0.57
C THR A 21 -9.10 6.49 -0.85
N TYR A 22 -9.00 7.15 -2.00
CA TYR A 22 -7.84 7.99 -2.31
C TYR A 22 -8.36 9.35 -2.74
N ASP A 23 -8.10 10.37 -1.93
CA ASP A 23 -8.64 11.71 -2.13
C ASP A 23 -7.53 12.57 -2.74
N ASP A 24 -7.65 12.87 -4.03
CA ASP A 24 -6.65 13.65 -4.76
C ASP A 24 -6.48 15.06 -4.25
N SER A 25 -7.41 15.58 -3.44
CA SER A 25 -7.24 16.92 -2.90
C SER A 25 -6.30 16.96 -1.71
N TYR A 26 -6.12 15.83 -1.03
CA TYR A 26 -5.23 15.74 0.13
C TYR A 26 -5.59 16.75 1.20
N SER A 27 -6.85 17.21 1.22
CA SER A 27 -7.26 18.23 2.17
C SER A 27 -7.24 17.71 3.61
N ASP A 28 -7.32 16.40 3.81
CA ASP A 28 -7.26 15.85 5.16
C ASP A 28 -5.88 16.00 5.79
N PHE A 29 -4.84 16.23 4.99
CA PHE A 29 -3.48 16.23 5.53
C PHE A 29 -3.26 17.34 6.54
N VAL A 30 -4.05 18.42 6.48
CA VAL A 30 -3.91 19.50 7.45
C VAL A 30 -4.27 19.06 8.85
N ARG A 31 -4.96 17.92 9.00
CA ARG A 31 -5.34 17.41 10.30
C ARG A 31 -4.21 16.62 10.97
N PHE A 32 -3.16 16.27 10.24
CA PHE A 32 -2.03 15.56 10.82
C PHE A 32 -1.19 16.51 11.67
N ARG A 33 -0.43 15.94 12.59
CA ARG A 33 0.59 16.72 13.27
C ARG A 33 1.49 17.37 12.22
N PRO A 34 1.77 18.67 12.33
CA PRO A 34 2.44 19.35 11.23
C PRO A 34 3.80 18.74 10.95
N PRO A 35 4.29 18.86 9.72
CA PRO A 35 5.68 18.45 9.44
C PRO A 35 6.67 19.46 10.00
N VAL A 36 7.84 18.95 10.38
CA VAL A 36 8.90 19.78 10.95
C VAL A 36 10.21 19.36 10.30
N ARG A 37 10.83 20.27 9.55
CA ARG A 37 12.05 19.96 8.83
C ARG A 37 13.19 20.89 9.25
N ARG A 98 15.67 15.41 17.18
CA ARG A 98 15.84 14.50 16.05
C ARG A 98 14.53 13.75 15.77
N LEU A 99 14.39 13.26 14.54
CA LEU A 99 13.18 12.59 14.09
C LEU A 99 12.00 13.56 14.07
N SER A 100 12.24 14.77 13.58
CA SER A 100 11.23 15.82 13.59
C SER A 100 10.06 15.50 12.67
N MET A 101 10.27 14.69 11.64
CA MET A 101 9.19 14.36 10.72
C MET A 101 8.40 13.11 11.16
N LEU A 102 8.85 12.42 12.21
CA LEU A 102 8.15 11.21 12.62
C LEU A 102 6.70 11.47 13.02
N PRO A 103 6.35 12.52 13.77
CA PRO A 103 4.92 12.72 14.09
C PRO A 103 4.05 12.88 12.85
N HIS A 104 4.45 13.75 11.91
CA HIS A 104 3.64 13.97 10.72
C HIS A 104 3.53 12.70 9.88
N LEU A 105 4.65 12.00 9.68
CA LEU A 105 4.62 10.81 8.83
C LEU A 105 3.95 9.63 9.52
N ALA A 106 3.99 9.58 10.86
CA ALA A 106 3.20 8.59 11.58
C ALA A 106 1.72 8.79 11.32
N ASP A 107 1.26 10.04 11.33
CA ASP A 107 -0.14 10.33 11.06
C ASP A 107 -0.49 10.04 9.59
N LEU A 108 0.41 10.38 8.67
CA LEU A 108 0.17 10.08 7.25
C LEU A 108 -0.04 8.57 7.06
N VAL A 109 0.86 7.76 7.62
CA VAL A 109 0.76 6.31 7.46
C VAL A 109 -0.49 5.78 8.14
N SER A 110 -0.81 6.28 9.34
CA SER A 110 -2.00 5.81 10.05
C SER A 110 -3.26 6.12 9.25
N TYR A 111 -3.37 7.36 8.75
CA TYR A 111 -4.47 7.72 7.87
C TYR A 111 -4.52 6.80 6.64
N SER A 112 -3.36 6.46 6.09
CA SER A 112 -3.32 5.62 4.88
C SER A 112 -3.72 4.19 5.18
N ILE A 113 -3.38 3.66 6.37
CA ILE A 113 -3.81 2.32 6.74
C ILE A 113 -5.33 2.24 6.75
N GLN A 114 -6.00 3.26 7.30
CA GLN A 114 -7.46 3.28 7.29
C GLN A 114 -8.01 3.23 5.87
N LYS A 115 -7.35 3.94 4.94
CA LYS A 115 -7.81 3.93 3.56
C LYS A 115 -7.61 2.57 2.91
N VAL A 116 -6.48 1.91 3.20
CA VAL A 116 -6.22 0.58 2.65
C VAL A 116 -7.23 -0.42 3.21
N ILE A 117 -7.58 -0.30 4.49
CA ILE A 117 -8.63 -1.15 5.07
C ILE A 117 -9.93 -0.94 4.31
N GLY A 118 -10.27 0.31 4.03
CA GLY A 118 -11.50 0.59 3.29
C GLY A 118 -11.45 0.08 1.87
N PHE A 119 -10.29 0.17 1.22
CA PHE A 119 -10.12 -0.40 -0.11
C PHE A 119 -10.28 -1.91 -0.08
N ALA A 120 -9.62 -2.57 0.87
CA ALA A 120 -9.69 -4.03 0.98
C ALA A 120 -11.12 -4.50 1.17
N LYS A 121 -11.90 -3.79 1.99
CA LYS A 121 -13.27 -4.21 2.27
C LYS A 121 -14.14 -4.23 1.02
N MET A 122 -13.78 -3.46 0.00
CA MET A 122 -14.55 -3.40 -1.24
C MET A 122 -13.98 -4.29 -2.34
N ILE A 123 -12.91 -5.02 -2.07
CA ILE A 123 -12.45 -6.02 -3.04
C ILE A 123 -13.44 -7.17 -3.06
N PRO A 124 -13.90 -7.63 -4.23
CA PRO A 124 -14.81 -8.79 -4.26
C PRO A 124 -14.16 -9.99 -3.59
N GLY A 125 -14.85 -10.53 -2.58
CA GLY A 125 -14.44 -11.73 -1.90
C GLY A 125 -13.68 -11.51 -0.61
N PHE A 126 -13.09 -10.33 -0.41
CA PHE A 126 -12.30 -10.09 0.80
C PHE A 126 -13.18 -10.16 2.04
N ARG A 127 -14.32 -9.47 2.03
CA ARG A 127 -15.19 -9.46 3.20
C ARG A 127 -15.64 -10.86 3.57
N ASP A 128 -15.78 -11.75 2.59
CA ASP A 128 -16.24 -13.10 2.86
C ASP A 128 -15.19 -13.95 3.54
N LEU A 129 -13.91 -13.55 3.53
CA LEU A 129 -12.91 -14.27 4.29
C LEU A 129 -13.19 -14.13 5.78
N THR A 130 -12.60 -15.02 6.58
CA THR A 130 -12.69 -14.87 8.02
C THR A 130 -11.97 -13.62 8.47
N ALA A 131 -12.39 -13.08 9.63
CA ALA A 131 -11.72 -11.91 10.17
C ALA A 131 -10.24 -12.16 10.36
N GLU A 132 -9.87 -13.38 10.78
CA GLU A 132 -8.47 -13.69 11.04
C GLU A 132 -7.65 -13.60 9.76
N ASP A 133 -8.18 -14.09 8.64
CA ASP A 133 -7.47 -14.00 7.37
C ASP A 133 -7.40 -12.56 6.88
N GLN A 134 -8.49 -11.81 7.02
CA GLN A 134 -8.46 -10.40 6.64
C GLN A 134 -7.37 -9.65 7.40
N ILE A 135 -7.21 -9.96 8.68
CA ILE A 135 -6.19 -9.31 9.50
C ILE A 135 -4.80 -9.75 9.06
N ALA A 136 -4.61 -11.06 8.89
CA ALA A 136 -3.33 -11.59 8.43
C ALA A 136 -2.90 -10.91 7.12
N LEU A 137 -3.81 -10.77 6.17
CA LEU A 137 -3.47 -10.16 4.89
C LEU A 137 -3.11 -8.69 5.05
N LEU A 138 -3.88 -7.96 5.86
CA LEU A 138 -3.64 -6.52 6.01
C LEU A 138 -2.35 -6.25 6.78
N LYS A 139 -2.07 -7.02 7.82
CA LYS A 139 -0.86 -6.78 8.60
C LYS A 139 0.39 -7.03 7.77
N SER A 140 0.38 -8.05 6.92
CA SER A 140 1.55 -8.34 6.10
C SER A 140 1.68 -7.38 4.92
N SER A 141 0.56 -6.97 4.32
CA SER A 141 0.61 -6.23 3.06
C SER A 141 0.47 -4.73 3.20
N ALA A 142 0.03 -4.22 4.36
CA ALA A 142 -0.31 -2.81 4.50
C ALA A 142 0.81 -1.90 3.99
N ILE A 143 2.03 -2.13 4.45
CA ILE A 143 3.13 -1.24 4.06
C ILE A 143 3.37 -1.35 2.55
N GLU A 144 3.12 -2.51 1.95
CA GLU A 144 3.29 -2.66 0.51
C GLU A 144 2.24 -1.88 -0.26
N ILE A 145 0.98 -1.94 0.19
CA ILE A 145 -0.08 -1.20 -0.49
C ILE A 145 0.16 0.30 -0.37
N ILE A 146 0.67 0.74 0.77
CA ILE A 146 0.99 2.17 0.97
C ILE A 146 2.08 2.60 0.00
N MET A 147 3.12 1.77 -0.15
CA MET A 147 4.17 2.08 -1.12
C MET A 147 3.63 2.11 -2.54
N LEU A 148 2.75 1.17 -2.89
CA LEU A 148 2.13 1.19 -4.22
C LEU A 148 1.27 2.43 -4.40
N ARG A 149 0.36 2.70 -3.47
CA ARG A 149 -0.60 3.78 -3.67
C ARG A 149 0.07 5.14 -3.63
N SER A 150 1.21 5.25 -2.94
CA SER A 150 1.93 6.53 -2.91
C SER A 150 2.51 6.91 -4.26
N ASN A 151 2.67 5.96 -5.18
CA ASN A 151 3.19 6.30 -6.50
C ASN A 151 2.32 7.35 -7.20
N GLN A 152 1.04 7.41 -6.83
CA GLN A 152 0.11 8.36 -7.44
C GLN A 152 0.46 9.81 -7.08
N SER A 153 1.11 10.04 -5.93
CA SER A 153 1.61 11.37 -5.61
C SER A 153 3.09 11.56 -5.96
N PHE A 154 3.80 10.48 -6.28
CA PHE A 154 5.22 10.58 -6.59
C PHE A 154 5.44 11.29 -7.93
N SER A 155 6.53 12.05 -8.00
CA SER A 155 6.83 12.87 -9.17
C SER A 155 8.25 12.62 -9.61
N LEU A 156 8.43 12.32 -10.90
CA LEU A 156 9.77 12.05 -11.42
C LEU A 156 10.63 13.29 -11.49
N GLU A 157 10.03 14.47 -11.71
CA GLU A 157 10.82 15.68 -11.84
C GLU A 157 11.36 16.15 -10.49
N ASP A 158 10.64 15.87 -9.40
CA ASP A 158 11.10 16.21 -8.06
C ASP A 158 11.70 15.03 -7.31
N MET A 159 11.51 13.80 -7.79
CA MET A 159 11.89 12.60 -7.04
C MET A 159 11.32 12.66 -5.63
N SER A 160 10.09 13.15 -5.52
CA SER A 160 9.45 13.35 -4.24
C SER A 160 7.97 13.04 -4.37
N TRP A 161 7.32 12.82 -3.22
CA TRP A 161 5.88 12.66 -3.14
C TRP A 161 5.27 14.03 -2.89
N SER A 162 4.47 14.52 -3.83
CA SER A 162 3.88 15.86 -3.77
C SER A 162 2.38 15.72 -3.54
N CYS A 163 1.91 16.17 -2.37
CA CYS A 163 0.52 15.99 -1.97
C CYS A 163 -0.14 17.36 -1.83
N GLY A 164 -0.28 18.06 -2.95
CA GLY A 164 -1.06 19.28 -3.00
C GLY A 164 -0.62 20.37 -2.05
N GLY A 165 0.61 20.84 -2.20
CA GLY A 165 1.11 21.94 -1.40
C GLY A 165 2.53 21.70 -0.91
N PRO A 166 3.32 22.77 -0.78
CA PRO A 166 4.72 22.58 -0.37
C PRO A 166 4.87 21.97 1.02
N ASP A 167 3.92 22.20 1.93
CA ASP A 167 4.02 21.63 3.26
C ASP A 167 3.89 20.12 3.23
N PHE A 168 3.17 19.58 2.26
CA PHE A 168 2.94 18.15 2.14
C PHE A 168 3.69 17.59 0.92
N LYS A 169 4.89 18.11 0.69
CA LYS A 169 5.82 17.61 -0.31
C LYS A 169 6.95 16.91 0.45
N TYR A 170 7.05 15.60 0.30
CA TYR A 170 8.00 14.79 1.04
C TYR A 170 9.12 14.35 0.12
N CYS A 171 10.34 14.79 0.44
CA CYS A 171 11.53 14.38 -0.29
C CYS A 171 12.25 13.29 0.52
N ILE A 172 13.36 12.80 -0.05
CA ILE A 172 14.13 11.77 0.62
C ILE A 172 14.58 12.25 1.99
N ASN A 173 15.04 13.51 2.07
CA ASN A 173 15.59 14.03 3.31
C ASN A 173 14.54 14.05 4.42
N ASP A 174 13.30 14.43 4.08
CA ASP A 174 12.24 14.44 5.08
C ASP A 174 12.02 13.06 5.69
N VAL A 175 12.15 12.01 4.88
CA VAL A 175 11.90 10.66 5.37
C VAL A 175 13.05 10.19 6.27
N THR A 176 14.27 10.65 6.01
CA THR A 176 15.36 10.36 6.94
C THR A 176 15.08 10.94 8.31
N LYS A 177 14.37 12.06 8.37
CA LYS A 177 13.97 12.69 9.62
C LYS A 177 12.82 11.96 10.31
N ALA A 178 12.47 10.75 9.83
CA ALA A 178 11.57 9.86 10.56
C ALA A 178 12.27 8.57 10.95
N GLY A 179 13.61 8.54 10.86
CA GLY A 179 14.41 7.43 11.35
C GLY A 179 14.93 6.48 10.30
N HIS A 180 14.65 6.73 9.03
CA HIS A 180 14.99 5.78 7.98
C HIS A 180 16.35 6.08 7.36
N THR A 181 17.07 5.01 7.04
CA THR A 181 18.38 5.09 6.41
C THR A 181 18.24 4.84 4.91
N LEU A 182 19.32 5.11 4.19
CA LEU A 182 19.29 4.95 2.74
C LEU A 182 19.17 3.51 2.31
N GLU A 183 19.40 2.56 3.21
CA GLU A 183 19.17 1.15 2.87
C GLU A 183 17.72 0.91 2.49
N LEU A 184 16.80 1.70 3.03
CA LEU A 184 15.39 1.65 2.66
C LEU A 184 15.02 2.71 1.63
N LEU A 185 15.56 3.92 1.76
CA LEU A 185 15.10 5.02 0.91
C LEU A 185 15.62 4.88 -0.52
N GLU A 186 16.82 4.32 -0.71
CA GLU A 186 17.32 4.12 -2.07
C GLU A 186 16.46 3.13 -2.85
N PRO A 187 16.24 1.90 -2.38
CA PRO A 187 15.34 1.01 -3.13
C PRO A 187 13.92 1.53 -3.22
N LEU A 188 13.43 2.21 -2.18
CA LEU A 188 12.06 2.73 -2.24
C LEU A 188 11.91 3.75 -3.37
N VAL A 189 12.88 4.65 -3.51
CA VAL A 189 12.78 5.70 -4.52
C VAL A 189 12.97 5.10 -5.92
N LYS A 190 13.95 4.20 -6.07
CA LYS A 190 14.11 3.53 -7.36
C LYS A 190 12.86 2.72 -7.70
N PHE A 191 12.20 2.15 -6.70
CA PHE A 191 10.94 1.45 -6.94
C PHE A 191 9.89 2.41 -7.47
N GLN A 192 9.71 3.56 -6.81
CA GLN A 192 8.75 4.54 -7.28
C GLN A 192 9.06 4.99 -8.70
N VAL A 193 10.34 5.21 -9.01
CA VAL A 193 10.72 5.66 -10.35
C VAL A 193 10.32 4.62 -11.39
N GLY A 194 10.73 3.36 -11.19
CA GLY A 194 10.42 2.34 -12.17
C GLY A 194 8.94 2.08 -12.31
N LEU A 195 8.21 2.16 -11.19
CA LEU A 195 6.76 2.01 -11.25
C LEU A 195 6.11 3.16 -12.00
N LYS A 196 6.63 4.38 -11.81
CA LYS A 196 6.09 5.53 -12.53
C LYS A 196 6.37 5.43 -14.01
N LYS A 197 7.51 4.84 -14.38
CA LYS A 197 7.86 4.70 -15.79
C LYS A 197 6.99 3.68 -16.50
N LEU A 198 6.35 2.76 -15.77
CA LEU A 198 5.43 1.83 -16.41
C LEU A 198 4.18 2.52 -16.93
N LYS A 199 3.87 3.70 -16.41
CA LYS A 199 2.70 4.48 -16.84
C LYS A 199 1.45 3.60 -16.86
N LEU A 200 1.16 3.03 -15.70
CA LEU A 200 0.01 2.14 -15.56
C LEU A 200 -1.29 2.89 -15.74
N HIS A 201 -2.24 2.24 -16.41
CA HIS A 201 -3.62 2.71 -16.36
C HIS A 201 -4.14 2.52 -14.94
N GLU A 202 -5.09 3.38 -14.54
CA GLU A 202 -5.60 3.25 -13.18
C GLU A 202 -6.23 1.89 -12.95
N GLU A 203 -6.84 1.30 -14.00
CA GLU A 203 -7.32 -0.06 -13.92
C GLU A 203 -6.21 -1.03 -13.52
N GLU A 204 -5.01 -0.86 -14.09
CA GLU A 204 -3.90 -1.74 -13.77
C GLU A 204 -3.33 -1.44 -12.38
N HIS A 205 -3.31 -0.16 -12.02
CA HIS A 205 -2.83 0.25 -10.70
C HIS A 205 -3.65 -0.38 -9.59
N VAL A 206 -4.98 -0.40 -9.74
CA VAL A 206 -5.82 -0.92 -8.67
C VAL A 206 -5.82 -2.44 -8.67
N LEU A 207 -5.79 -3.06 -9.85
CA LEU A 207 -5.66 -4.52 -9.89
C LEU A 207 -4.39 -4.97 -9.17
N LEU A 208 -3.30 -4.22 -9.34
CA LEU A 208 -2.04 -4.60 -8.73
C LEU A 208 -2.09 -4.47 -7.21
N MET A 209 -2.81 -3.47 -6.71
CA MET A 209 -2.97 -3.33 -5.27
C MET A 209 -3.82 -4.47 -4.72
N ALA A 210 -4.88 -4.85 -5.43
CA ALA A 210 -5.72 -5.95 -4.98
C ALA A 210 -4.97 -7.29 -5.05
N ILE A 211 -4.18 -7.49 -6.10
CA ILE A 211 -3.38 -8.71 -6.21
C ILE A 211 -2.37 -8.78 -5.07
N CYS A 212 -1.72 -7.66 -4.76
CA CYS A 212 -0.77 -7.64 -3.65
C CYS A 212 -1.48 -7.96 -2.34
N LEU A 213 -2.62 -7.33 -2.10
CA LEU A 213 -3.38 -7.54 -0.87
C LEU A 213 -3.79 -9.01 -0.73
N LEU A 214 -4.33 -9.60 -1.80
CA LEU A 214 -4.83 -10.97 -1.76
C LEU A 214 -3.74 -11.99 -2.08
N SER A 215 -2.54 -11.82 -1.55
CA SER A 215 -1.47 -12.80 -1.73
C SER A 215 -1.58 -13.86 -0.66
N PRO A 216 -1.73 -15.14 -1.01
CA PRO A 216 -1.88 -16.18 0.03
C PRO A 216 -0.58 -16.53 0.73
N ASP A 217 0.58 -16.21 0.14
CA ASP A 217 1.88 -16.54 0.75
C ASP A 217 2.29 -15.46 1.75
N ARG A 218 1.40 -15.22 2.71
CA ARG A 218 1.66 -14.33 3.83
C ARG A 218 1.66 -15.14 5.12
N PRO A 219 2.49 -14.78 6.10
CA PRO A 219 2.42 -15.49 7.39
C PRO A 219 1.09 -15.24 8.07
N GLY A 220 0.53 -16.30 8.66
CA GLY A 220 -0.71 -16.20 9.39
C GLY A 220 -1.95 -16.56 8.61
N VAL A 221 -1.87 -16.65 7.27
CA VAL A 221 -3.02 -16.99 6.47
C VAL A 221 -3.40 -18.44 6.70
N GLN A 222 -4.70 -18.71 6.76
CA GLN A 222 -5.23 -20.05 6.98
C GLN A 222 -5.91 -20.62 5.73
N ASP A 223 -6.87 -19.90 5.15
CA ASP A 223 -7.58 -20.37 3.97
C ASP A 223 -6.77 -20.01 2.71
N HIS A 224 -5.60 -20.65 2.62
CA HIS A 224 -4.70 -20.42 1.50
C HIS A 224 -5.39 -20.70 0.16
N VAL A 225 -6.22 -21.73 0.10
CA VAL A 225 -6.83 -22.11 -1.17
C VAL A 225 -7.83 -21.05 -1.64
N ARG A 226 -8.64 -20.54 -0.71
CA ARG A 226 -9.64 -19.54 -1.07
C ARG A 226 -8.99 -18.25 -1.55
N ILE A 227 -7.95 -17.81 -0.84
CA ILE A 227 -7.29 -16.55 -1.19
C ILE A 227 -6.52 -16.69 -2.50
N GLU A 228 -5.94 -17.86 -2.75
CA GLU A 228 -5.22 -18.07 -4.01
C GLU A 228 -6.18 -18.03 -5.19
N ALA A 229 -7.36 -18.63 -5.06
CA ALA A 229 -8.35 -18.57 -6.13
C ALA A 229 -8.74 -17.12 -6.42
N LEU A 230 -9.03 -16.35 -5.37
CA LEU A 230 -9.36 -14.95 -5.54
C LEU A 230 -8.24 -14.20 -6.26
N GLN A 231 -6.98 -14.46 -5.86
CA GLN A 231 -5.86 -13.77 -6.49
C GLN A 231 -5.69 -14.20 -7.93
N ASP A 232 -5.90 -15.49 -8.23
CA ASP A 232 -5.79 -15.97 -9.60
C ASP A 232 -6.81 -15.30 -10.50
N ARG A 233 -8.02 -15.07 -10.00
CA ARG A 233 -9.04 -14.40 -10.79
C ARG A 233 -8.61 -12.98 -11.15
N LEU A 234 -8.08 -12.25 -10.17
CA LEU A 234 -7.60 -10.90 -10.42
C LEU A 234 -6.40 -10.88 -11.36
N CYS A 235 -5.49 -11.86 -11.22
CA CYS A 235 -4.36 -11.94 -12.13
C CYS A 235 -4.83 -12.18 -13.57
N ASP A 236 -5.89 -12.98 -13.74
CA ASP A 236 -6.40 -13.23 -15.08
C ASP A 236 -7.08 -11.98 -15.65
N VAL A 237 -7.81 -11.25 -14.82
CA VAL A 237 -8.38 -9.96 -15.24
C VAL A 237 -7.27 -9.04 -15.73
N LEU A 238 -6.20 -8.93 -14.95
CA LEU A 238 -5.11 -8.01 -15.30
C LEU A 238 -4.44 -8.42 -16.60
N GLN A 239 -4.06 -9.69 -16.71
CA GLN A 239 -3.40 -10.16 -17.92
C GLN A 239 -4.28 -9.91 -19.14
N ALA A 240 -5.57 -10.24 -19.04
CA ALA A 240 -6.49 -9.98 -20.14
C ALA A 240 -6.56 -8.49 -20.45
N TYR A 241 -6.75 -7.66 -19.42
CA TYR A 241 -6.91 -6.23 -19.64
C TYR A 241 -5.72 -5.65 -20.41
N ILE A 242 -4.50 -6.00 -20.01
CA ILE A 242 -3.32 -5.50 -20.70
C ILE A 242 -3.33 -5.95 -22.15
N ARG A 243 -3.73 -7.20 -22.42
CA ARG A 243 -3.72 -7.74 -23.77
C ARG A 243 -4.64 -6.95 -24.70
N ILE A 244 -5.85 -6.60 -24.23
CA ILE A 244 -6.84 -5.98 -25.09
C ILE A 244 -6.75 -4.46 -25.05
N GLN A 245 -6.53 -3.87 -23.87
CA GLN A 245 -6.69 -2.43 -23.71
C GLN A 245 -5.38 -1.64 -23.63
N HIS A 246 -4.23 -2.29 -23.44
CA HIS A 246 -2.98 -1.55 -23.30
C HIS A 246 -2.08 -1.80 -24.50
N PRO A 247 -2.04 -0.91 -25.49
CA PRO A 247 -1.15 -1.12 -26.63
C PRO A 247 0.31 -1.03 -26.22
N GLY A 248 1.13 -1.92 -26.79
CA GLY A 248 2.51 -2.01 -26.39
C GLY A 248 2.74 -2.59 -25.01
N GLY A 249 1.75 -3.30 -24.47
CA GLY A 249 1.86 -3.84 -23.13
C GLY A 249 2.28 -5.30 -23.10
N ARG A 250 3.01 -5.73 -24.13
CA ARG A 250 3.38 -7.13 -24.27
C ARG A 250 4.11 -7.66 -23.05
N LEU A 251 5.03 -6.87 -22.50
CA LEU A 251 5.84 -7.29 -21.37
C LEU A 251 5.40 -6.66 -20.06
N LEU A 252 4.21 -6.05 -20.02
CA LEU A 252 3.83 -5.28 -18.84
C LEU A 252 3.46 -6.18 -17.67
N TYR A 253 2.74 -7.27 -17.94
CA TYR A 253 2.34 -8.15 -16.85
C TYR A 253 3.54 -8.66 -16.08
N ALA A 254 4.59 -9.07 -16.80
CA ALA A 254 5.80 -9.58 -16.14
C ALA A 254 6.46 -8.49 -15.30
N LYS A 255 6.54 -7.27 -15.84
CA LYS A 255 7.17 -6.19 -15.08
C LYS A 255 6.39 -5.84 -13.82
N MET A 256 5.06 -5.95 -13.88
CA MET A 256 4.26 -5.65 -12.69
C MET A 256 4.45 -6.72 -11.62
N ILE A 257 4.54 -7.99 -12.04
CA ILE A 257 4.77 -9.08 -11.10
C ILE A 257 6.14 -8.93 -10.45
N GLN A 258 7.14 -8.47 -11.21
CA GLN A 258 8.44 -8.21 -10.61
C GLN A 258 8.34 -7.13 -9.55
N LYS A 259 7.50 -6.12 -9.80
CA LYS A 259 7.27 -5.08 -8.80
C LYS A 259 6.71 -5.67 -7.50
N LEU A 260 5.86 -6.70 -7.61
CA LEU A 260 5.39 -7.37 -6.40
C LEU A 260 6.54 -8.01 -5.65
N ALA A 261 7.51 -8.57 -6.37
CA ALA A 261 8.70 -9.13 -5.72
C ALA A 261 9.55 -8.04 -5.08
N ASP A 262 9.70 -6.90 -5.75
CA ASP A 262 10.42 -5.77 -5.16
C ASP A 262 9.79 -5.36 -3.85
N LEU A 263 8.45 -5.36 -3.79
CA LEU A 263 7.75 -4.93 -2.58
C LEU A 263 8.06 -5.83 -1.40
N ARG A 264 8.20 -7.14 -1.64
CA ARG A 264 8.59 -8.05 -0.57
C ARG A 264 9.90 -7.62 0.05
N SER A 265 10.89 -7.27 -0.78
CA SER A 265 12.19 -6.84 -0.27
C SER A 265 12.08 -5.50 0.45
N LEU A 266 11.28 -4.57 -0.09
CA LEU A 266 11.06 -3.31 0.60
C LEU A 266 10.35 -3.55 1.93
N ASN A 267 9.39 -4.47 1.95
CA ASN A 267 8.72 -4.84 3.20
C ASN A 267 9.73 -5.30 4.24
N GLU A 268 10.65 -6.18 3.84
CA GLU A 268 11.63 -6.73 4.75
C GLU A 268 12.51 -5.63 5.35
N GLU A 269 13.00 -4.73 4.50
CA GLU A 269 13.85 -3.64 4.99
C GLU A 269 13.08 -2.69 5.90
N HIS A 270 11.83 -2.36 5.54
CA HIS A 270 11.02 -1.51 6.39
C HIS A 270 10.80 -2.14 7.77
N SER A 271 10.61 -3.46 7.80
CA SER A 271 10.34 -4.14 9.07
C SER A 271 11.57 -4.08 9.98
N LYS A 272 12.77 -4.22 9.41
CA LYS A 272 13.98 -4.02 10.19
C LYS A 272 13.99 -2.64 10.83
N GLN A 273 13.77 -1.61 10.02
CA GLN A 273 13.91 -0.23 10.50
C GLN A 273 12.74 0.18 11.38
N TYR A 274 11.55 -0.38 11.14
CA TYR A 274 10.45 -0.16 12.08
C TYR A 274 10.74 -0.83 13.42
N ARG A 275 11.41 -1.98 13.40
CA ARG A 275 11.77 -2.65 14.65
C ARG A 275 12.70 -1.78 15.50
N SER A 276 13.66 -1.10 14.86
CA SER A 276 14.51 -0.16 15.58
C SER A 276 13.68 0.91 16.25
N LEU A 277 12.77 1.52 15.49
CA LEU A 277 11.95 2.61 16.02
C LEU A 277 11.10 2.13 17.18
N SER A 278 10.45 0.98 17.03
CA SER A 278 9.49 0.52 18.01
C SER A 278 10.14 0.02 19.29
N PHE A 279 11.42 -0.34 19.25
CA PHE A 279 12.12 -0.78 20.46
C PHE A 279 12.61 0.40 21.31
N GLN A 280 12.50 1.63 20.82
CA GLN A 280 12.88 2.82 21.59
C GLN A 280 11.61 3.54 21.98
N PRO A 281 11.15 3.45 23.24
CA PRO A 281 9.86 4.07 23.59
C PRO A 281 9.80 5.56 23.29
N GLU A 282 10.92 6.27 23.36
CA GLU A 282 10.93 7.70 23.01
C GLU A 282 10.35 7.94 21.62
N HIS A 283 10.59 7.02 20.69
CA HIS A 283 10.09 7.15 19.32
C HIS A 283 8.77 6.41 19.11
N SER A 284 8.61 5.21 19.69
CA SER A 284 7.36 4.48 19.51
C SER A 284 6.18 5.26 20.07
N MET A 285 6.42 6.10 21.08
CA MET A 285 5.33 6.89 21.65
C MET A 285 4.80 7.92 20.67
N GLN A 286 5.57 8.26 19.63
CA GLN A 286 5.12 9.20 18.61
C GLN A 286 4.27 8.54 17.54
N LEU A 287 4.19 7.21 17.52
CA LEU A 287 3.36 6.49 16.57
C LEU A 287 1.90 6.59 16.99
N THR A 288 1.01 6.04 16.18
CA THR A 288 -0.40 6.00 16.54
C THR A 288 -0.80 4.60 16.98
N PRO A 289 -1.89 4.47 17.75
CA PRO A 289 -2.36 3.12 18.10
C PRO A 289 -2.56 2.22 16.89
N LEU A 290 -3.13 2.72 15.80
CA LEU A 290 -3.37 1.87 14.63
C LEU A 290 -2.06 1.39 14.03
N VAL A 291 -1.05 2.27 13.94
CA VAL A 291 0.24 1.87 13.38
C VAL A 291 0.88 0.79 14.24
N LEU A 292 0.87 0.99 15.56
CA LEU A 292 1.46 0.01 16.46
C LEU A 292 0.75 -1.34 16.33
N GLU A 293 -0.56 -1.32 16.12
CA GLU A 293 -1.30 -2.57 16.01
C GLU A 293 -1.03 -3.27 14.68
N VAL A 294 -1.01 -2.51 13.59
CA VAL A 294 -0.85 -3.10 12.26
C VAL A 294 0.58 -3.53 12.00
N PHE A 295 1.55 -2.65 12.30
CA PHE A 295 2.95 -2.99 12.13
C PHE A 295 3.50 -3.81 13.28
N GLY A 296 2.69 -4.05 14.31
CA GLY A 296 3.13 -4.85 15.43
C GLY A 296 3.17 -6.33 15.12
N SER A 297 3.77 -7.09 16.04
CA SER A 297 4.05 -8.50 15.83
C SER A 297 3.03 -9.42 16.48
N GLU A 298 1.94 -8.87 17.02
CA GLU A 298 0.95 -9.71 17.68
C GLU A 298 0.29 -10.63 16.66
N VAL A 299 -0.19 -11.77 17.14
CA VAL A 299 -0.80 -12.79 16.29
C VAL A 299 -2.24 -13.03 16.72
N ARG B 1 -5.54 -7.92 21.07
CA ARG B 1 -6.13 -8.81 20.08
C ARG B 1 -6.72 -8.02 18.92
N HIS B 2 -5.91 -7.11 18.37
CA HIS B 2 -6.27 -6.35 17.16
C HIS B 2 -7.64 -5.70 17.30
N LYS B 3 -7.78 -4.88 18.34
CA LYS B 3 -9.07 -4.28 18.64
C LYS B 3 -9.47 -3.26 17.58
N ILE B 4 -8.53 -2.43 17.12
CA ILE B 4 -8.87 -1.42 16.13
C ILE B 4 -9.16 -2.08 14.77
N LEU B 5 -8.31 -3.02 14.37
CA LEU B 5 -8.50 -3.69 13.08
C LEU B 5 -9.86 -4.37 13.01
N HIS B 6 -10.23 -5.11 14.05
CA HIS B 6 -11.54 -5.76 14.09
C HIS B 6 -12.66 -4.74 13.89
N ARG B 7 -12.60 -3.64 14.63
CA ARG B 7 -13.66 -2.65 14.56
C ARG B 7 -13.73 -2.03 13.18
N LEU B 8 -12.59 -1.65 12.62
CA LEU B 8 -12.57 -1.05 11.29
C LEU B 8 -13.01 -2.04 10.22
N LEU B 9 -12.67 -3.33 10.39
CA LEU B 9 -13.17 -4.33 9.46
C LEU B 9 -14.66 -4.59 9.65
N GLN B 10 -15.25 -4.11 10.75
CA GLN B 10 -16.68 -4.22 10.98
C GLN B 10 -17.11 -5.67 11.13
C4 D3V C . 7.87 5.20 4.98
C5 D3V C . 8.80 4.00 4.91
C6 D3V C . 6.80 4.89 6.03
C7 D3V C . 7.29 4.59 7.43
C8 D3V C . 6.33 5.02 8.54
C9 D3V C . 6.95 5.35 9.88
C10 D3V C . 7.80 4.22 10.44
C11 D3V C . 5.87 5.74 10.87
C12 D3V C . 6.56 6.96 3.33
C13 D3V C . 5.22 7.04 4.07
C14 D3V C . 7.36 8.26 3.52
C15 D3V C . 6.67 9.47 2.89
O2 D3V C . -0.93 6.59 1.06
C24 D3V C . -0.14 7.52 0.31
C23 D3V C . -0.92 8.80 0.10
C22 D3V C . -0.09 9.77 -0.72
O1 D3V C . 0.23 9.19 -1.99
C21 D3V C . 1.18 10.14 0.02
C25 D3V C . 1.08 7.89 1.12
C26 D3V C . 1.34 7.35 2.30
C20 D3V C . 1.93 8.94 0.54
C19 D3V C . 3.29 8.95 0.65
C18 D3V C . 4.15 7.88 1.10
C17 D3V C . 5.47 7.95 1.35
C D3V C . 6.30 6.78 1.80
C16 D3V C . 6.29 9.21 1.44
C3 D3V C . 7.36 5.63 3.57
C2 D3V C . 6.53 4.55 2.85
C1 D3V C . 5.85 5.29 1.67
O D3V C . 8.63 6.28 5.55
H9 D3V C . 9.52 4.00 5.72
H8 D3V C . 9.36 3.98 3.97
H10 D3V C . 8.26 3.05 4.96
H12 D3V C . 6.09 5.73 6.10
H13 D3V C . 6.20 4.05 5.68
H15 D3V C . 7.49 3.52 7.51
H14 D3V C . 8.26 5.05 7.60
H16 D3V C . 5.76 5.89 8.19
H17 D3V C . 5.59 4.25 8.68
H18 D3V C . 7.60 6.22 9.75
H20 D3V C . 7.24 3.30 10.59
H21 D3V C . 8.24 4.48 11.40
H19 D3V C . 8.64 3.98 9.78
H23 D3V C . 5.14 4.95 11.04
H22 D3V C . 5.31 6.61 10.55
H24 D3V C . 6.28 5.99 11.86
H26 D3V C . 5.34 7.15 5.15
H27 D3V C . 4.62 6.14 3.93
H25 D3V C . 4.60 7.87 3.75
H28 D3V C . 7.52 8.45 4.58
H29 D3V C . 8.36 8.18 3.08
H30 D3V C . 7.33 10.34 2.94
H31 D3V C . 5.80 9.77 3.47
H41 D3V C . -0.45 5.72 1.04
H3 D3V C . 0.12 7.07 -0.64
H39 D3V C . -1.86 8.59 -0.39
H40 D3V C . -1.19 9.22 1.07
H2 D3V C . -0.68 10.65 -0.99
H38 D3V C . 0.89 9.77 -2.43
H37 D3V C . 1.81 10.76 -0.63
H36 D3V C . 0.97 10.80 0.88
H42 D3V C . 2.21 7.60 2.90
H43 D3V C . 0.70 6.61 2.78
H35 D3V C . 3.79 9.89 0.38
H34 D3V C . 3.65 6.93 1.24
H D3V C . 7.24 6.85 1.25
H32 D3V C . 7.17 9.11 0.80
H33 D3V C . 5.73 10.06 1.05
H1 D3V C . 8.26 5.75 2.98
H6 D3V C . 5.80 4.10 3.52
H7 D3V C . 7.15 3.73 2.51
H5 D3V C . 6.14 4.88 0.71
H4 D3V C . 4.77 5.18 1.71
H11 D3V C . 9.56 6.21 5.20
#